data_4Y0X
#
_entry.id   4Y0X
#
_cell.length_a   75.920
_cell.length_b   37.250
_cell.length_c   108.520
_cell.angle_alpha   90.00
_cell.angle_beta   97.74
_cell.angle_gamma   90.00
#
_symmetry.space_group_name_H-M   'C 1 2 1'
#
loop_
_entity.id
_entity.type
_entity.pdbx_description
1 polymer 'Serine/threonine-protein kinase PknG'
2 non-polymer "ADENOSINE-5'-DIPHOSPHATE"
3 non-polymer 'ZINC ION'
4 non-polymer 'MAGNESIUM ION'
5 water water
#
_entity_poly.entity_id   1
_entity_poly.type   'polypeptide(L)'
_entity_poly.pdbx_seq_one_letter_code
;MGSSHHHHHHSSGLVPRGSHMASMTGGQQMGRGSEFENLYFQGLGGGLVEIPRAPDIDPLEALMTNPVVPESKRFCWNCG
RPVGRSDSETKGASEGWCPYCGSPYSFLPQLNPGDIVAGQYEVKGCIAHGGLGWIYLALDRNVNGRPVVLKGLVHSGDAE
AQAMAMAERQFLAEVVHPSIVQIFNFVEHTDRHGDPVGYIVMEYVGGQSLKRSKGQKLPVAEAIAYLLEILPALSYLHSI
GLVYNDLKPENIMLTEEQLKLIDLGAVSRINSFGYLYGTPGFQAPEIVRTGPTVATDIYTVGRTLAALTLDLPTRNGRYV
DGLPEDDPVLKTYDSYGRLLRRAIDPDPRQRFTTAEEMSAQLTGVLREVVAQDTG
;
_entity_poly.pdbx_strand_id   A
#
loop_
_chem_comp.id
_chem_comp.type
_chem_comp.name
_chem_comp.formula
ADP non-polymer ADENOSINE-5'-DIPHOSPHATE 'C10 H15 N5 O10 P2'
MG non-polymer 'MAGNESIUM ION' 'Mg 2'
ZN non-polymer 'ZINC ION' 'Zn 2'
#
# COMPACT_ATOMS: atom_id res chain seq x y z
N ARG A 53 25.93 -10.20 33.39
CA ARG A 53 24.53 -10.45 33.08
C ARG A 53 24.11 -9.81 31.74
N ALA A 54 23.42 -10.58 30.89
CA ALA A 54 22.88 -10.15 29.59
C ALA A 54 21.56 -9.40 29.82
N PRO A 55 21.26 -8.31 29.07
CA PRO A 55 20.03 -7.54 29.37
C PRO A 55 18.72 -8.06 28.78
N ASP A 56 17.60 -7.77 29.48
CA ASP A 56 16.26 -8.09 29.01
C ASP A 56 15.71 -6.85 28.32
N ILE A 57 15.68 -6.88 27.00
CA ILE A 57 15.26 -5.78 26.14
C ILE A 57 13.86 -6.06 25.63
N ASP A 58 13.03 -5.01 25.57
CA ASP A 58 11.67 -5.09 25.02
C ASP A 58 11.86 -5.04 23.49
N PRO A 59 11.58 -6.17 22.77
CA PRO A 59 11.74 -6.17 21.30
C PRO A 59 10.84 -5.19 20.55
N LEU A 60 9.81 -4.62 21.21
CA LEU A 60 8.96 -3.65 20.50
C LEU A 60 9.70 -2.36 20.21
N GLU A 61 10.66 -1.99 21.08
CA GLU A 61 11.41 -0.73 20.96
C GLU A 61 12.15 -0.60 19.64
N ALA A 62 12.78 -1.70 19.18
CA ALA A 62 13.49 -1.76 17.90
C ALA A 62 12.54 -1.68 16.68
N LEU A 63 11.22 -1.91 16.87
CA LEU A 63 10.23 -1.88 15.78
C LEU A 63 9.60 -0.50 15.58
N MET A 64 9.92 0.46 16.45
CA MET A 64 9.26 1.74 16.34
C MET A 64 10.20 2.84 15.92
N THR A 65 9.64 3.82 15.20
CA THR A 65 10.39 4.95 14.66
C THR A 65 10.19 6.18 15.52
N ASN A 66 11.15 7.12 15.44
CA ASN A 66 11.04 8.38 16.16
C ASN A 66 9.83 9.12 15.59
N PRO A 67 8.91 9.63 16.44
CA PRO A 67 7.66 10.21 15.92
C PRO A 67 7.77 11.64 15.43
N VAL A 68 8.73 11.89 14.52
CA VAL A 68 8.96 13.21 13.93
C VAL A 68 9.06 13.02 12.40
N VAL A 69 8.40 13.87 11.63
CA VAL A 69 8.51 13.76 10.18
C VAL A 69 9.63 14.72 9.73
N PRO A 70 10.71 14.24 9.06
CA PRO A 70 11.75 15.17 8.57
C PRO A 70 11.16 16.16 7.54
N GLU A 71 11.69 17.40 7.49
CA GLU A 71 11.15 18.45 6.62
C GLU A 71 11.02 18.06 5.15
N SER A 72 11.98 17.33 4.60
CA SER A 72 11.94 16.87 3.21
C SER A 72 10.73 15.95 2.89
N LYS A 73 10.03 15.41 3.93
CA LYS A 73 8.93 14.48 3.73
C LYS A 73 7.57 15.05 4.08
N ARG A 74 7.51 16.36 4.30
CA ARG A 74 6.28 17.05 4.69
C ARG A 74 5.57 17.64 3.49
N PHE A 75 4.38 17.10 3.21
CA PHE A 75 3.58 17.58 2.10
C PHE A 75 2.14 17.73 2.54
N CYS A 76 1.38 18.57 1.82
CA CYS A 76 -0.03 18.77 2.03
C CYS A 76 -0.77 17.58 1.50
N TRP A 77 -1.65 16.99 2.30
CA TRP A 77 -2.46 15.83 1.88
C TRP A 77 -3.47 16.19 0.77
N ASN A 78 -3.86 17.47 0.68
CA ASN A 78 -4.88 17.91 -0.27
C ASN A 78 -4.35 18.34 -1.63
N CYS A 79 -3.33 19.19 -1.64
CA CYS A 79 -2.81 19.70 -2.91
C CYS A 79 -1.44 19.13 -3.27
N GLY A 80 -0.82 18.40 -2.35
CA GLY A 80 0.47 17.75 -2.57
C GLY A 80 1.70 18.62 -2.42
N ARG A 81 1.51 19.94 -2.26
CA ARG A 81 2.62 20.88 -2.13
C ARG A 81 3.38 20.71 -0.83
N PRO A 82 4.70 21.05 -0.85
CA PRO A 82 5.46 21.03 0.42
C PRO A 82 4.85 21.99 1.46
N VAL A 83 4.76 21.51 2.71
CA VAL A 83 4.27 22.31 3.85
C VAL A 83 5.20 22.11 5.03
N GLY A 84 5.10 22.98 6.04
CA GLY A 84 5.89 22.83 7.27
C GLY A 84 7.39 22.90 7.06
N ARG A 85 7.81 23.70 6.06
CA ARG A 85 9.22 23.88 5.70
C ARG A 85 9.84 25.09 6.32
N SER A 86 11.13 24.98 6.70
CA SER A 86 11.91 26.10 7.22
C SER A 86 12.51 26.80 6.01
N ASP A 87 12.51 28.13 6.02
CA ASP A 87 13.07 28.97 4.96
C ASP A 87 14.20 29.83 5.55
N SER A 88 14.75 30.77 4.75
CA SER A 88 15.78 31.72 5.20
C SER A 88 15.11 32.81 6.06
N GLU A 89 13.76 32.76 6.14
CA GLU A 89 12.91 33.68 6.89
C GLU A 89 12.38 33.11 8.21
N THR A 90 11.66 31.94 8.17
CA THR A 90 11.05 31.33 9.37
C THR A 90 11.13 29.80 9.45
N LYS A 91 11.11 29.25 10.69
CA LYS A 91 11.14 27.82 10.98
C LYS A 91 9.80 27.17 10.64
N GLY A 92 9.86 25.95 10.09
CA GLY A 92 8.66 25.21 9.67
C GLY A 92 7.86 24.63 10.81
N ALA A 93 6.56 24.96 10.87
CA ALA A 93 5.65 24.47 11.90
C ALA A 93 5.23 23.02 11.64
N SER A 94 5.15 22.21 12.72
CA SER A 94 4.76 20.79 12.66
C SER A 94 3.26 20.65 12.41
N GLU A 95 2.49 21.72 12.68
CA GLU A 95 1.07 21.75 12.34
C GLU A 95 0.68 23.16 11.96
N GLY A 96 -0.28 23.25 11.06
CA GLY A 96 -0.74 24.54 10.57
C GLY A 96 -1.67 24.33 9.39
N TRP A 97 -1.68 25.29 8.50
CA TRP A 97 -2.54 25.22 7.31
C TRP A 97 -1.69 25.41 6.08
N CYS A 98 -2.03 24.68 5.03
CA CYS A 98 -1.30 24.76 3.79
C CYS A 98 -1.44 26.16 3.21
N PRO A 99 -0.31 26.86 2.90
CA PRO A 99 -0.41 28.24 2.39
C PRO A 99 -1.10 28.36 1.04
N TYR A 100 -1.21 27.25 0.30
CA TYR A 100 -1.81 27.27 -1.05
C TYR A 100 -3.29 26.89 -1.09
N CYS A 101 -3.70 25.81 -0.40
CA CYS A 101 -5.09 25.38 -0.49
C CYS A 101 -5.87 25.58 0.81
N GLY A 102 -5.18 26.00 1.88
CA GLY A 102 -5.76 26.24 3.20
C GLY A 102 -6.15 25.00 3.97
N SER A 103 -5.73 23.78 3.53
CA SER A 103 -6.09 22.57 4.28
C SER A 103 -5.25 22.41 5.55
N PRO A 104 -5.84 21.97 6.69
CA PRO A 104 -5.03 21.79 7.90
C PRO A 104 -4.08 20.61 7.75
N TYR A 105 -2.88 20.72 8.32
CA TYR A 105 -1.90 19.63 8.30
C TYR A 105 -1.37 19.46 9.72
N SER A 106 -0.89 18.25 10.03
CA SER A 106 -0.22 17.97 11.28
C SER A 106 0.71 16.81 11.08
N PHE A 107 1.96 17.01 11.45
CA PHE A 107 2.94 15.90 11.35
C PHE A 107 3.16 15.30 12.74
N LEU A 108 2.35 15.69 13.74
CA LEU A 108 2.47 15.20 15.12
C LEU A 108 1.70 13.91 15.30
N PRO A 109 2.18 12.92 16.08
CA PRO A 109 1.36 11.73 16.32
C PRO A 109 0.05 12.08 17.06
N GLN A 110 -1.06 11.49 16.63
CA GLN A 110 -2.40 11.74 17.19
C GLN A 110 -2.76 10.73 18.34
N LEU A 111 -1.93 9.70 18.51
CA LEU A 111 -2.03 8.69 19.58
C LEU A 111 -0.62 8.63 20.21
N ASN A 112 -0.55 8.77 21.52
CA ASN A 112 0.69 8.80 22.30
C ASN A 112 0.94 7.49 23.05
N PRO A 113 2.20 7.10 23.34
CA PRO A 113 2.42 5.86 24.12
C PRO A 113 1.64 5.86 25.44
N GLY A 114 0.96 4.76 25.73
CA GLY A 114 0.15 4.69 26.94
C GLY A 114 -1.32 5.02 26.76
N ASP A 115 -1.71 5.62 25.60
CA ASP A 115 -3.12 5.91 25.28
C ASP A 115 -3.85 4.59 25.07
N ILE A 116 -5.12 4.50 25.54
CA ILE A 116 -5.94 3.32 25.34
C ILE A 116 -7.09 3.67 24.36
N VAL A 117 -7.12 2.95 23.25
CA VAL A 117 -8.14 3.21 22.25
C VAL A 117 -9.30 2.25 22.39
N ALA A 118 -10.51 2.81 22.54
CA ALA A 118 -11.77 2.06 22.67
C ALA A 118 -11.66 0.97 23.76
N GLY A 119 -10.95 1.28 24.84
CA GLY A 119 -10.72 0.41 25.99
C GLY A 119 -10.08 -0.92 25.64
N GLN A 120 -9.54 -1.06 24.40
CA GLN A 120 -8.99 -2.32 23.87
CA GLN A 120 -8.99 -2.32 23.92
C GLN A 120 -7.53 -2.27 23.46
N TYR A 121 -7.11 -1.19 22.81
CA TYR A 121 -5.73 -1.11 22.24
C TYR A 121 -4.82 -0.17 22.99
N GLU A 122 -3.71 -0.70 23.54
CA GLU A 122 -2.73 0.09 24.30
C GLU A 122 -1.67 0.55 23.32
N VAL A 123 -1.63 1.84 23.04
CA VAL A 123 -0.68 2.41 22.08
C VAL A 123 0.73 2.36 22.62
N LYS A 124 1.67 1.90 21.80
CA LYS A 124 3.09 1.77 22.15
C LYS A 124 3.95 2.80 21.47
N GLY A 125 3.55 3.24 20.28
CA GLY A 125 4.29 4.23 19.51
C GLY A 125 4.02 4.20 18.01
N CYS A 126 4.92 4.79 17.21
CA CYS A 126 4.76 4.90 15.76
C CYS A 126 5.63 3.89 14.98
N ILE A 127 5.09 3.31 13.91
CA ILE A 127 5.80 2.36 13.04
C ILE A 127 6.37 3.13 11.84
N ALA A 128 5.55 4.02 11.21
CA ALA A 128 5.90 4.77 10.01
C ALA A 128 4.90 5.91 9.83
N HIS A 129 5.20 6.82 8.88
CA HIS A 129 4.34 7.93 8.51
C HIS A 129 4.04 7.80 7.03
N GLY A 130 2.78 7.94 6.67
CA GLY A 130 2.36 7.83 5.28
C GLY A 130 1.42 8.91 4.80
N GLY A 131 0.72 8.62 3.71
CA GLY A 131 -0.23 9.56 3.09
C GLY A 131 -1.37 9.97 3.99
N LEU A 132 -1.80 9.08 4.91
CA LEU A 132 -2.88 9.32 5.88
C LEU A 132 -2.32 9.59 7.29
N GLY A 133 -1.04 9.99 7.38
CA GLY A 133 -0.39 10.31 8.63
C GLY A 133 0.29 9.10 9.26
N TRP A 134 0.47 9.16 10.57
CA TRP A 134 1.15 8.13 11.35
C TRP A 134 0.44 6.79 11.40
N ILE A 135 1.24 5.74 11.45
CA ILE A 135 0.87 4.32 11.58
C ILE A 135 1.37 3.92 12.93
N TYR A 136 0.45 3.51 13.79
CA TYR A 136 0.75 3.24 15.19
C TYR A 136 0.84 1.76 15.52
N LEU A 137 1.65 1.43 16.50
CA LEU A 137 1.76 0.07 17.02
C LEU A 137 0.99 0.09 18.35
N ALA A 138 0.17 -0.94 18.57
CA ALA A 138 -0.63 -1.05 19.81
C ALA A 138 -0.69 -2.52 20.29
N LEU A 139 -1.08 -2.76 21.54
CA LEU A 139 -1.25 -4.15 22.01
C LEU A 139 -2.75 -4.40 22.22
N ASP A 140 -3.31 -5.47 21.60
CA ASP A 140 -4.71 -5.86 21.65
C ASP A 140 -5.03 -6.56 22.94
N ARG A 141 -5.79 -5.89 23.83
CA ARG A 141 -6.20 -6.50 25.09
C ARG A 141 -7.13 -7.71 24.95
N ASN A 142 -7.87 -7.87 23.82
CA ASN A 142 -8.77 -9.03 23.62
C ASN A 142 -8.12 -10.24 23.00
N VAL A 143 -6.95 -10.06 22.40
CA VAL A 143 -6.25 -11.15 21.72
C VAL A 143 -4.84 -11.28 22.31
N ASN A 144 -4.75 -11.60 23.62
CA ASN A 144 -3.50 -11.91 24.34
C ASN A 144 -2.39 -10.82 24.36
N GLY A 145 -2.75 -9.55 24.15
CA GLY A 145 -1.76 -8.47 24.15
C GLY A 145 -0.89 -8.49 22.91
N ARG A 146 -1.37 -9.19 21.86
CA ARG A 146 -0.73 -9.28 20.60
C ARG A 146 -0.56 -7.89 20.03
N PRO A 147 0.67 -7.51 19.62
CA PRO A 147 0.85 -6.21 18.96
C PRO A 147 -0.01 -6.12 17.67
N VAL A 148 -0.75 -5.01 17.45
CA VAL A 148 -1.60 -4.72 16.29
C VAL A 148 -1.21 -3.33 15.71
N VAL A 149 -1.77 -2.96 14.57
CA VAL A 149 -1.45 -1.69 13.90
C VAL A 149 -2.70 -0.83 13.71
N LEU A 150 -2.60 0.45 14.09
CA LEU A 150 -3.69 1.41 13.85
C LEU A 150 -3.29 2.47 12.80
N LYS A 151 -4.22 2.78 11.90
CA LYS A 151 -4.03 3.77 10.83
C LYS A 151 -5.31 4.60 10.67
N GLY A 152 -5.18 5.92 10.43
CA GLY A 152 -6.35 6.78 10.26
C GLY A 152 -7.13 6.47 8.99
N LEU A 153 -8.41 6.84 8.95
CA LEU A 153 -9.27 6.59 7.78
C LEU A 153 -9.39 7.78 6.81
N VAL A 154 -9.46 9.00 7.32
CA VAL A 154 -9.61 10.23 6.50
C VAL A 154 -8.61 11.31 6.94
N HIS A 155 -8.18 12.18 5.99
CA HIS A 155 -7.20 13.22 6.33
C HIS A 155 -7.81 14.30 7.19
N SER A 156 -9.13 14.55 7.04
CA SER A 156 -9.91 15.54 7.80
C SER A 156 -11.42 15.21 7.71
N GLY A 157 -12.17 15.62 8.73
CA GLY A 157 -13.62 15.43 8.79
C GLY A 157 -14.21 15.51 10.19
N ASP A 158 -15.49 15.94 10.28
CA ASP A 158 -16.23 16.06 11.53
C ASP A 158 -16.69 14.67 12.01
N ALA A 159 -17.37 14.59 13.17
CA ALA A 159 -17.85 13.32 13.73
C ALA A 159 -18.58 12.43 12.72
N GLU A 160 -19.57 13.00 12.00
CA GLU A 160 -20.37 12.33 10.97
C GLU A 160 -19.52 11.78 9.82
N ALA A 161 -18.48 12.55 9.40
CA ALA A 161 -17.57 12.16 8.33
C ALA A 161 -16.72 10.97 8.77
N GLN A 162 -16.32 10.95 10.06
CA GLN A 162 -15.51 9.87 10.61
C GLN A 162 -16.35 8.59 10.68
N ALA A 163 -17.58 8.69 11.22
CA ALA A 163 -18.54 7.59 11.35
C ALA A 163 -18.87 6.94 10.00
N MET A 164 -19.06 7.75 8.96
CA MET A 164 -19.35 7.31 7.60
C MET A 164 -18.15 6.55 7.01
N ALA A 165 -16.92 7.06 7.25
CA ALA A 165 -15.66 6.45 6.78
C ALA A 165 -15.50 5.04 7.36
N MET A 166 -15.71 4.88 8.68
CA MET A 166 -15.64 3.59 9.39
C MET A 166 -16.63 2.56 8.79
N ALA A 167 -17.91 2.95 8.66
CA ALA A 167 -18.99 2.12 8.13
C ALA A 167 -18.74 1.60 6.71
N GLU A 168 -18.23 2.45 5.80
CA GLU A 168 -17.92 2.14 4.39
C GLU A 168 -16.77 1.15 4.20
N ARG A 169 -15.93 0.98 5.22
CA ARG A 169 -14.77 0.10 5.11
C ARG A 169 -14.93 -1.18 5.93
N GLN A 170 -16.02 -1.29 6.74
CA GLN A 170 -16.36 -2.42 7.62
C GLN A 170 -16.27 -3.80 6.96
N PHE A 171 -16.65 -3.90 5.67
CA PHE A 171 -16.59 -5.13 4.85
C PHE A 171 -15.19 -5.79 4.80
N LEU A 172 -14.13 -5.02 5.10
CA LEU A 172 -12.74 -5.49 5.06
C LEU A 172 -12.46 -6.52 6.16
N ALA A 173 -13.27 -6.45 7.25
CA ALA A 173 -13.23 -7.38 8.38
C ALA A 173 -13.63 -8.77 7.91
N GLU A 174 -14.43 -8.85 6.81
CA GLU A 174 -14.91 -10.09 6.17
C GLU A 174 -13.90 -10.70 5.19
N VAL A 175 -12.94 -9.88 4.70
CA VAL A 175 -11.90 -10.35 3.76
C VAL A 175 -10.99 -11.26 4.55
N VAL A 176 -10.93 -12.52 4.13
CA VAL A 176 -10.14 -13.54 4.81
C VAL A 176 -9.32 -14.31 3.78
N HIS A 177 -8.02 -14.04 3.75
CA HIS A 177 -7.10 -14.74 2.87
C HIS A 177 -5.72 -14.75 3.53
N PRO A 178 -4.98 -15.89 3.52
CA PRO A 178 -3.66 -15.91 4.17
C PRO A 178 -2.63 -14.89 3.67
N SER A 179 -2.77 -14.43 2.41
CA SER A 179 -1.88 -13.46 1.77
C SER A 179 -2.36 -12.00 1.83
N ILE A 180 -3.48 -11.75 2.52
CA ILE A 180 -4.02 -10.39 2.64
C ILE A 180 -3.99 -10.03 4.11
N VAL A 181 -3.47 -8.83 4.45
CA VAL A 181 -3.46 -8.38 5.85
C VAL A 181 -4.88 -8.48 6.43
N GLN A 182 -4.99 -9.00 7.67
CA GLN A 182 -6.29 -9.05 8.35
C GLN A 182 -6.62 -7.74 9.03
N ILE A 183 -7.87 -7.27 8.83
CA ILE A 183 -8.48 -6.10 9.45
C ILE A 183 -9.29 -6.66 10.60
N PHE A 184 -8.99 -6.23 11.82
CA PHE A 184 -9.67 -6.74 13.02
C PHE A 184 -10.82 -5.89 13.50
N ASN A 185 -10.70 -4.56 13.34
CA ASN A 185 -11.68 -3.63 13.89
C ASN A 185 -11.58 -2.22 13.30
N PHE A 186 -12.63 -1.41 13.54
CA PHE A 186 -12.75 0.01 13.19
C PHE A 186 -13.12 0.69 14.48
N VAL A 187 -12.25 1.59 14.96
CA VAL A 187 -12.44 2.23 16.26
C VAL A 187 -12.34 3.76 16.20
N GLU A 188 -12.98 4.44 17.15
CA GLU A 188 -12.91 5.91 17.20
C GLU A 188 -12.06 6.38 18.39
N HIS A 189 -11.29 7.46 18.21
CA HIS A 189 -10.51 8.08 19.29
C HIS A 189 -10.39 9.58 19.03
N THR A 190 -10.11 10.39 20.07
CA THR A 190 -9.96 11.84 19.87
C THR A 190 -8.53 12.16 19.44
N ASP A 191 -8.37 13.10 18.50
CA ASP A 191 -7.06 13.54 18.01
C ASP A 191 -6.39 14.51 19.02
N ARG A 192 -5.20 15.06 18.68
CA ARG A 192 -4.47 15.97 19.58
C ARG A 192 -5.21 17.28 19.90
N HIS A 193 -6.27 17.60 19.14
CA HIS A 193 -7.05 18.82 19.38
C HIS A 193 -8.41 18.52 20.08
N GLY A 194 -8.70 17.24 20.33
CA GLY A 194 -9.92 16.84 21.02
C GLY A 194 -11.10 16.49 20.14
N ASP A 195 -10.88 16.43 18.82
CA ASP A 195 -11.93 16.09 17.86
C ASP A 195 -11.88 14.58 17.53
N PRO A 196 -13.03 13.86 17.47
CA PRO A 196 -12.98 12.41 17.20
C PRO A 196 -12.51 12.06 15.79
N VAL A 197 -11.60 11.08 15.70
CA VAL A 197 -11.02 10.53 14.47
C VAL A 197 -11.21 9.00 14.47
N GLY A 198 -11.36 8.43 13.26
CA GLY A 198 -11.52 6.99 13.10
C GLY A 198 -10.23 6.29 12.74
N TYR A 199 -10.11 5.03 13.18
CA TYR A 199 -8.93 4.20 12.91
C TYR A 199 -9.31 2.83 12.48
N ILE A 200 -8.52 2.28 11.56
CA ILE A 200 -8.61 0.89 11.14
C ILE A 200 -7.61 0.16 12.05
N VAL A 201 -7.97 -1.06 12.48
CA VAL A 201 -7.11 -1.88 13.32
C VAL A 201 -6.73 -3.09 12.47
N MET A 202 -5.43 -3.34 12.29
CA MET A 202 -5.00 -4.47 11.47
C MET A 202 -3.86 -5.27 12.11
N GLU A 203 -3.66 -6.49 11.58
CA GLU A 203 -2.60 -7.41 11.96
C GLU A 203 -1.24 -6.74 11.77
N TYR A 204 -0.28 -6.98 12.69
CA TYR A 204 1.07 -6.45 12.53
C TYR A 204 1.77 -7.45 11.58
N VAL A 205 2.21 -6.93 10.42
CA VAL A 205 2.89 -7.74 9.40
C VAL A 205 4.39 -7.50 9.51
N GLY A 206 5.16 -8.57 9.69
CA GLY A 206 6.61 -8.51 9.79
C GLY A 206 7.29 -8.17 8.47
N GLY A 207 8.62 -8.07 8.50
CA GLY A 207 9.43 -7.80 7.32
C GLY A 207 9.35 -6.40 6.72
N GLN A 208 9.67 -6.31 5.40
CA GLN A 208 9.71 -5.05 4.65
C GLN A 208 9.02 -5.22 3.30
N SER A 209 8.60 -4.09 2.69
CA SER A 209 7.95 -4.08 1.37
C SER A 209 8.91 -4.56 0.24
N LEU A 210 8.35 -4.89 -0.92
CA LEU A 210 9.11 -5.34 -2.12
C LEU A 210 9.65 -4.18 -2.93
N LYS A 211 9.43 -2.93 -2.50
CA LYS A 211 9.92 -1.75 -3.21
C LYS A 211 11.43 -1.85 -3.38
N ARG A 212 11.90 -1.82 -4.62
CA ARG A 212 13.33 -1.89 -4.92
C ARG A 212 13.77 -0.68 -5.74
N SER A 213 14.93 -0.12 -5.41
CA SER A 213 15.45 1.02 -6.17
C SER A 213 16.28 0.52 -7.35
N LYS A 214 16.59 1.43 -8.30
CA LYS A 214 17.37 1.19 -9.53
C LYS A 214 18.55 0.20 -9.40
N GLY A 215 19.23 0.21 -8.25
CA GLY A 215 20.36 -0.68 -8.01
C GLY A 215 20.10 -2.04 -7.38
N GLN A 216 18.86 -2.32 -6.93
CA GLN A 216 18.53 -3.59 -6.26
C GLN A 216 17.29 -4.31 -6.84
N LYS A 217 17.14 -4.28 -8.18
CA LYS A 217 16.02 -4.93 -8.87
C LYS A 217 16.07 -6.45 -8.68
N LEU A 218 14.89 -7.07 -8.58
CA LEU A 218 14.81 -8.51 -8.36
C LEU A 218 15.13 -9.29 -9.62
N PRO A 219 15.80 -10.48 -9.48
CA PRO A 219 15.97 -11.37 -10.64
C PRO A 219 14.56 -11.78 -11.09
N VAL A 220 14.36 -11.97 -12.41
CA VAL A 220 13.04 -12.28 -12.97
C VAL A 220 12.38 -13.48 -12.28
N ALA A 221 13.13 -14.60 -12.08
CA ALA A 221 12.55 -15.80 -11.45
C ALA A 221 11.96 -15.49 -10.06
N GLU A 222 12.68 -14.69 -9.23
CA GLU A 222 12.27 -14.28 -7.88
C GLU A 222 10.96 -13.46 -7.97
N ALA A 223 10.91 -12.45 -8.87
CA ALA A 223 9.72 -11.57 -9.04
C ALA A 223 8.48 -12.38 -9.44
N ILE A 224 8.64 -13.27 -10.43
CA ILE A 224 7.54 -14.11 -10.87
C ILE A 224 7.06 -14.99 -9.74
N ALA A 225 7.98 -15.65 -9.01
CA ALA A 225 7.61 -16.52 -7.89
C ALA A 225 6.84 -15.70 -6.84
N TYR A 226 7.22 -14.40 -6.59
CA TYR A 226 6.47 -13.53 -5.69
C TYR A 226 5.05 -13.23 -6.20
N LEU A 227 4.91 -12.82 -7.44
CA LEU A 227 3.58 -12.53 -7.99
C LEU A 227 2.71 -13.78 -8.12
N LEU A 228 3.28 -14.98 -8.28
CA LEU A 228 2.47 -16.19 -8.31
C LEU A 228 1.81 -16.44 -6.96
N GLU A 229 2.42 -15.90 -5.89
CA GLU A 229 1.89 -16.06 -4.52
C GLU A 229 0.83 -14.97 -4.32
N ILE A 230 0.95 -13.83 -5.02
CA ILE A 230 -0.02 -12.71 -4.90
C ILE A 230 -1.27 -12.92 -5.76
N LEU A 231 -1.11 -13.45 -6.99
CA LEU A 231 -2.26 -13.64 -7.88
C LEU A 231 -3.43 -14.40 -7.26
N PRO A 232 -3.26 -15.49 -6.48
CA PRO A 232 -4.43 -16.12 -5.84
C PRO A 232 -5.24 -15.18 -4.91
N ALA A 233 -4.58 -14.25 -4.22
CA ALA A 233 -5.24 -13.25 -3.34
C ALA A 233 -6.13 -12.34 -4.21
N LEU A 234 -5.61 -11.95 -5.40
CA LEU A 234 -6.41 -11.12 -6.33
C LEU A 234 -7.60 -11.96 -6.84
N SER A 235 -7.35 -13.23 -7.23
CA SER A 235 -8.44 -14.13 -7.67
C SER A 235 -9.49 -14.25 -6.58
N TYR A 236 -9.05 -14.34 -5.30
CA TYR A 236 -9.97 -14.44 -4.17
C TYR A 236 -10.81 -13.17 -4.08
N LEU A 237 -10.17 -11.99 -4.19
CA LEU A 237 -10.89 -10.71 -4.15
C LEU A 237 -11.89 -10.60 -5.28
N HIS A 238 -11.47 -10.95 -6.51
CA HIS A 238 -12.34 -10.88 -7.69
C HIS A 238 -13.52 -11.81 -7.56
N SER A 239 -13.35 -13.00 -6.93
CA SER A 239 -14.40 -13.99 -6.70
C SER A 239 -15.50 -13.45 -5.77
N ILE A 240 -15.17 -12.47 -4.91
CA ILE A 240 -16.18 -11.89 -4.00
C ILE A 240 -16.60 -10.47 -4.47
N GLY A 241 -16.31 -10.14 -5.73
CA GLY A 241 -16.69 -8.89 -6.37
C GLY A 241 -15.90 -7.65 -6.01
N LEU A 242 -14.68 -7.86 -5.55
CA LEU A 242 -13.78 -6.81 -5.12
C LEU A 242 -12.51 -6.72 -5.98
N VAL A 243 -11.92 -5.51 -6.02
CA VAL A 243 -10.69 -5.19 -6.76
C VAL A 243 -9.72 -4.72 -5.68
N TYR A 244 -8.46 -5.12 -5.77
CA TYR A 244 -7.48 -4.67 -4.79
C TYR A 244 -7.11 -3.21 -5.05
N ASN A 245 -6.95 -2.83 -6.34
CA ASN A 245 -6.69 -1.49 -6.84
C ASN A 245 -5.38 -0.82 -6.53
N ASP A 246 -4.59 -1.33 -5.63
CA ASP A 246 -3.36 -0.60 -5.31
C ASP A 246 -2.14 -1.47 -5.34
N LEU A 247 -2.12 -2.45 -6.27
CA LEU A 247 -0.95 -3.29 -6.31
C LEU A 247 0.23 -2.50 -6.85
N LYS A 248 1.29 -2.52 -6.06
CA LYS A 248 2.59 -1.91 -6.38
C LYS A 248 3.59 -2.53 -5.38
N PRO A 249 4.90 -2.50 -5.68
CA PRO A 249 5.87 -3.13 -4.77
C PRO A 249 5.77 -2.69 -3.32
N GLU A 250 5.55 -1.36 -3.07
CA GLU A 250 5.44 -0.77 -1.73
C GLU A 250 4.35 -1.46 -0.89
N ASN A 251 3.30 -1.95 -1.57
CA ASN A 251 2.14 -2.52 -0.84
C ASN A 251 2.23 -4.02 -0.64
N ILE A 252 3.38 -4.62 -0.97
CA ILE A 252 3.58 -6.06 -0.82
C ILE A 252 4.69 -6.23 0.20
N MET A 253 4.36 -6.89 1.31
CA MET A 253 5.30 -7.13 2.40
C MET A 253 5.92 -8.51 2.27
N LEU A 254 7.22 -8.59 2.42
CA LEU A 254 7.98 -9.83 2.38
C LEU A 254 8.38 -10.20 3.81
N THR A 255 7.77 -11.27 4.36
CA THR A 255 8.03 -11.71 5.74
C THR A 255 9.00 -12.90 5.71
N GLU A 256 9.41 -13.39 6.88
CA GLU A 256 10.30 -14.56 7.00
C GLU A 256 9.60 -15.84 6.52
N GLU A 257 8.26 -15.77 6.30
CA GLU A 257 7.46 -16.92 5.86
C GLU A 257 6.74 -16.75 4.54
N GLN A 258 6.16 -15.56 4.27
CA GLN A 258 5.33 -15.39 3.08
C GLN A 258 5.28 -13.97 2.59
N LEU A 259 4.47 -13.74 1.55
CA LEU A 259 4.19 -12.40 1.05
C LEU A 259 2.85 -11.99 1.59
N LYS A 260 2.66 -10.69 1.89
CA LYS A 260 1.35 -10.28 2.35
C LYS A 260 1.00 -8.92 1.76
N LEU A 261 -0.23 -8.78 1.21
CA LEU A 261 -0.70 -7.47 0.73
C LEU A 261 -1.13 -6.62 1.91
N ILE A 262 -0.71 -5.34 1.93
CA ILE A 262 -1.15 -4.41 2.99
C ILE A 262 -1.92 -3.27 2.31
N ASP A 263 -2.24 -2.19 3.02
CA ASP A 263 -2.87 -0.99 2.47
C ASP A 263 -4.16 -1.31 1.70
N LEU A 264 -5.20 -1.69 2.44
CA LEU A 264 -6.48 -2.03 1.84
C LEU A 264 -7.38 -0.80 1.55
N GLY A 265 -6.79 0.40 1.62
CA GLY A 265 -7.48 1.68 1.43
C GLY A 265 -8.15 1.89 0.08
N ALA A 266 -7.58 1.30 -0.99
CA ALA A 266 -8.12 1.40 -2.36
C ALA A 266 -9.08 0.23 -2.71
N VAL A 267 -9.14 -0.85 -1.88
CA VAL A 267 -10.03 -2.03 -2.12
C VAL A 267 -11.44 -1.53 -2.40
N SER A 268 -12.01 -1.89 -3.58
CA SER A 268 -13.34 -1.42 -3.97
C SER A 268 -14.12 -2.44 -4.76
N ARG A 269 -15.45 -2.23 -4.89
CA ARG A 269 -16.25 -3.13 -5.68
C ARG A 269 -15.91 -2.90 -7.16
N ILE A 270 -16.05 -3.97 -7.97
CA ILE A 270 -15.84 -3.94 -9.43
C ILE A 270 -16.84 -2.93 -10.06
N ASN A 271 -16.37 -2.15 -11.05
CA ASN A 271 -17.05 -1.11 -11.84
C ASN A 271 -17.59 0.08 -11.01
N SER A 272 -17.08 0.29 -9.78
CA SER A 272 -17.54 1.41 -8.97
C SER A 272 -16.63 2.62 -9.25
N PHE A 273 -17.13 3.82 -9.10
CA PHE A 273 -16.31 5.00 -9.39
C PHE A 273 -16.07 5.92 -8.20
N GLY A 274 -16.38 5.44 -6.99
CA GLY A 274 -16.19 6.21 -5.75
C GLY A 274 -14.74 6.53 -5.47
N TYR A 275 -13.83 5.62 -5.83
CA TYR A 275 -12.40 5.82 -5.62
C TYR A 275 -11.66 5.66 -6.96
N LEU A 276 -11.17 6.78 -7.53
CA LEU A 276 -10.42 6.64 -8.80
C LEU A 276 -8.92 6.91 -8.66
N TYR A 277 -8.45 7.28 -7.43
CA TYR A 277 -7.06 7.57 -7.09
C TYR A 277 -6.13 6.42 -7.43
N GLY A 278 -4.91 6.78 -7.80
CA GLY A 278 -3.89 5.79 -8.13
C GLY A 278 -2.53 6.42 -8.39
N THR A 279 -1.52 5.57 -8.62
CA THR A 279 -0.19 6.11 -8.87
C THR A 279 0.06 6.17 -10.36
N PRO A 280 0.42 7.34 -10.91
CA PRO A 280 0.84 7.36 -12.32
C PRO A 280 2.01 6.38 -12.46
N GLY A 281 1.91 5.50 -13.42
CA GLY A 281 2.94 4.51 -13.61
C GLY A 281 2.51 3.14 -13.15
N PHE A 282 1.39 3.03 -12.39
CA PHE A 282 0.78 1.74 -11.95
C PHE A 282 -0.67 1.64 -12.32
N GLN A 283 -1.39 2.76 -12.26
CA GLN A 283 -2.82 2.75 -12.55
C GLN A 283 -3.15 2.58 -14.03
N ALA A 284 -4.22 1.80 -14.33
CA ALA A 284 -4.69 1.54 -15.71
C ALA A 284 -5.22 2.83 -16.33
N PRO A 285 -4.89 3.09 -17.61
CA PRO A 285 -5.33 4.35 -18.25
C PRO A 285 -6.84 4.58 -18.32
N GLU A 286 -7.64 3.51 -18.48
CA GLU A 286 -9.11 3.60 -18.63
C GLU A 286 -9.96 3.65 -17.34
N ILE A 287 -9.33 3.71 -16.14
CA ILE A 287 -9.98 3.73 -14.83
C ILE A 287 -11.10 4.80 -14.72
N VAL A 288 -10.91 5.97 -15.32
CA VAL A 288 -11.92 7.04 -15.35
C VAL A 288 -13.20 6.58 -16.07
N ARG A 289 -13.05 5.84 -17.17
CA ARG A 289 -14.17 5.38 -17.97
C ARG A 289 -14.86 4.14 -17.37
N THR A 290 -14.10 3.19 -16.82
CA THR A 290 -14.67 1.92 -16.33
C THR A 290 -14.78 1.77 -14.81
N GLY A 291 -14.00 2.55 -14.08
CA GLY A 291 -13.88 2.38 -12.64
C GLY A 291 -13.03 1.14 -12.40
N PRO A 292 -12.75 0.73 -11.14
CA PRO A 292 -11.90 -0.45 -10.91
C PRO A 292 -12.54 -1.74 -11.45
N THR A 293 -11.74 -2.55 -12.16
CA THR A 293 -12.20 -3.79 -12.78
C THR A 293 -11.14 -4.89 -12.61
N VAL A 294 -11.45 -6.11 -13.02
CA VAL A 294 -10.43 -7.18 -13.00
C VAL A 294 -9.30 -6.76 -13.98
N ALA A 295 -9.69 -6.13 -15.12
CA ALA A 295 -8.77 -5.64 -16.15
C ALA A 295 -7.80 -4.61 -15.57
N THR A 296 -8.27 -3.67 -14.71
CA THR A 296 -7.38 -2.66 -14.10
C THR A 296 -6.40 -3.34 -13.10
N ASP A 297 -6.88 -4.36 -12.35
CA ASP A 297 -6.00 -5.13 -11.44
C ASP A 297 -4.97 -5.90 -12.24
N ILE A 298 -5.36 -6.50 -13.41
CA ILE A 298 -4.34 -7.21 -14.22
C ILE A 298 -3.24 -6.24 -14.69
N TYR A 299 -3.63 -5.03 -15.11
CA TYR A 299 -2.70 -4.00 -15.56
C TYR A 299 -1.66 -3.72 -14.46
N THR A 300 -2.13 -3.58 -13.23
CA THR A 300 -1.23 -3.28 -12.09
C THR A 300 -0.28 -4.46 -11.84
N VAL A 301 -0.68 -5.72 -12.15
CA VAL A 301 0.22 -6.89 -12.02
C VAL A 301 1.38 -6.72 -13.01
N GLY A 302 1.05 -6.37 -14.26
CA GLY A 302 2.08 -6.11 -15.26
C GLY A 302 3.03 -5.01 -14.84
N ARG A 303 2.50 -3.88 -14.33
CA ARG A 303 3.32 -2.72 -13.95
C ARG A 303 4.18 -3.10 -12.71
N THR A 304 3.61 -3.89 -11.78
CA THR A 304 4.31 -4.35 -10.58
C THR A 304 5.49 -5.24 -10.97
N LEU A 305 5.28 -6.23 -11.84
CA LEU A 305 6.40 -7.07 -12.29
C LEU A 305 7.49 -6.22 -12.95
N ALA A 306 7.10 -5.28 -13.85
CA ALA A 306 8.04 -4.40 -14.55
C ALA A 306 8.83 -3.56 -13.53
N ALA A 307 8.15 -2.98 -12.54
CA ALA A 307 8.80 -2.14 -11.51
C ALA A 307 9.75 -2.94 -10.59
N LEU A 308 9.51 -4.25 -10.45
CA LEU A 308 10.40 -5.08 -9.62
C LEU A 308 11.62 -5.58 -10.35
N THR A 309 11.53 -5.72 -11.68
CA THR A 309 12.57 -6.33 -12.50
C THR A 309 13.31 -5.44 -13.48
N LEU A 310 12.67 -4.38 -13.99
CA LEU A 310 13.28 -3.53 -15.03
C LEU A 310 13.80 -2.20 -14.53
N ASP A 311 14.78 -1.66 -15.25
CA ASP A 311 15.33 -0.34 -14.97
C ASP A 311 14.48 0.60 -15.84
N LEU A 312 13.23 0.79 -15.40
CA LEU A 312 12.22 1.58 -16.08
C LEU A 312 12.59 3.05 -16.07
N PRO A 313 12.39 3.76 -17.20
CA PRO A 313 12.69 5.20 -17.21
C PRO A 313 11.68 5.90 -16.31
N THR A 314 12.15 6.92 -15.61
CA THR A 314 11.31 7.70 -14.71
C THR A 314 11.36 9.15 -15.14
N ARG A 315 10.22 9.83 -15.11
CA ARG A 315 10.10 11.24 -15.50
C ARG A 315 9.22 11.94 -14.50
N ASN A 316 9.72 13.05 -13.93
CA ASN A 316 9.02 13.83 -12.93
C ASN A 316 8.57 12.94 -11.72
N GLY A 317 9.46 12.00 -11.35
CA GLY A 317 9.28 11.10 -10.22
C GLY A 317 8.42 9.85 -10.40
N ARG A 318 7.89 9.61 -11.63
CA ARG A 318 7.01 8.44 -11.91
C ARG A 318 7.51 7.61 -13.04
N TYR A 319 7.12 6.33 -13.07
CA TYR A 319 7.53 5.46 -14.17
C TYR A 319 6.73 5.86 -15.41
N VAL A 320 7.39 5.89 -16.57
CA VAL A 320 6.70 6.21 -17.82
C VAL A 320 5.91 4.99 -18.32
N ASP A 321 4.77 5.21 -19.05
CA ASP A 321 3.91 4.15 -19.58
C ASP A 321 4.63 3.29 -20.57
N GLY A 322 4.20 2.04 -20.67
CA GLY A 322 4.78 1.07 -21.58
C GLY A 322 6.11 0.55 -21.08
N LEU A 323 6.84 -0.19 -21.92
CA LEU A 323 8.13 -0.76 -21.55
C LEU A 323 9.26 -0.21 -22.42
N PRO A 324 10.44 0.09 -21.84
CA PRO A 324 11.55 0.62 -22.65
C PRO A 324 12.05 -0.32 -23.74
N GLU A 325 12.36 0.24 -24.92
CA GLU A 325 12.89 -0.53 -26.05
C GLU A 325 14.33 -0.96 -25.74
N ASP A 326 14.74 -2.11 -26.29
CA ASP A 326 16.08 -2.72 -26.18
C ASP A 326 16.53 -2.99 -24.72
N ASP A 327 15.58 -3.11 -23.77
CA ASP A 327 15.83 -3.41 -22.36
C ASP A 327 16.53 -4.77 -22.28
N PRO A 328 17.68 -4.89 -21.57
CA PRO A 328 18.41 -6.18 -21.54
C PRO A 328 17.61 -7.33 -20.96
N VAL A 329 16.78 -7.06 -19.94
CA VAL A 329 15.98 -8.09 -19.29
C VAL A 329 14.93 -8.68 -20.25
N LEU A 330 14.16 -7.83 -20.98
CA LEU A 330 13.11 -8.30 -21.90
C LEU A 330 13.64 -9.01 -23.14
N LYS A 331 14.87 -8.69 -23.53
CA LYS A 331 15.54 -9.33 -24.66
C LYS A 331 16.02 -10.71 -24.20
N THR A 332 16.39 -10.84 -22.91
CA THR A 332 16.86 -12.10 -22.31
C THR A 332 15.69 -13.09 -22.16
N TYR A 333 14.56 -12.63 -21.60
CA TYR A 333 13.38 -13.49 -21.35
C TYR A 333 12.18 -13.08 -22.23
N ASP A 334 12.09 -13.64 -23.46
CA ASP A 334 11.04 -13.30 -24.43
C ASP A 334 9.63 -13.55 -23.97
N SER A 335 9.32 -14.77 -23.46
CA SER A 335 7.96 -15.08 -23.01
C SER A 335 7.54 -14.15 -21.86
N TYR A 336 8.50 -13.74 -21.01
CA TYR A 336 8.25 -12.81 -19.91
C TYR A 336 7.86 -11.44 -20.45
N GLY A 337 8.62 -10.96 -21.44
CA GLY A 337 8.35 -9.69 -22.12
C GLY A 337 6.98 -9.71 -22.76
N ARG A 338 6.59 -10.85 -23.40
CA ARG A 338 5.30 -10.99 -24.07
C ARG A 338 4.16 -10.91 -23.04
N LEU A 339 4.33 -11.59 -21.91
CA LEU A 339 3.35 -11.59 -20.82
C LEU A 339 3.16 -10.18 -20.28
N LEU A 340 4.26 -9.45 -20.05
CA LEU A 340 4.16 -8.09 -19.50
C LEU A 340 3.39 -7.18 -20.45
N ARG A 341 3.70 -7.23 -21.76
CA ARG A 341 3.05 -6.41 -22.77
C ARG A 341 1.54 -6.72 -22.82
N ARG A 342 1.16 -8.02 -22.70
CA ARG A 342 -0.25 -8.41 -22.72
C ARG A 342 -0.96 -7.83 -21.50
N ALA A 343 -0.34 -7.98 -20.31
CA ALA A 343 -0.90 -7.48 -19.04
C ALA A 343 -1.13 -5.98 -19.05
N ILE A 344 -0.24 -5.19 -19.69
CA ILE A 344 -0.34 -3.69 -19.70
C ILE A 344 -0.97 -3.15 -20.99
N ASP A 345 -1.60 -4.03 -21.80
CA ASP A 345 -2.15 -3.57 -23.06
C ASP A 345 -3.07 -2.35 -22.87
N PRO A 346 -2.93 -1.23 -23.62
CA PRO A 346 -3.88 -0.11 -23.41
C PRO A 346 -5.35 -0.52 -23.59
N ASP A 347 -5.65 -1.55 -24.41
CA ASP A 347 -7.02 -2.03 -24.58
C ASP A 347 -7.26 -3.07 -23.46
N PRO A 348 -8.16 -2.81 -22.47
CA PRO A 348 -8.36 -3.80 -21.38
C PRO A 348 -8.82 -5.18 -21.86
N ARG A 349 -9.55 -5.23 -23.00
CA ARG A 349 -10.07 -6.48 -23.55
C ARG A 349 -8.94 -7.41 -24.04
N GLN A 350 -7.73 -6.87 -24.27
CA GLN A 350 -6.57 -7.63 -24.76
C GLN A 350 -5.76 -8.25 -23.61
N ARG A 351 -6.00 -7.79 -22.38
CA ARG A 351 -5.29 -8.27 -21.20
C ARG A 351 -5.83 -9.64 -20.79
N PHE A 352 -5.16 -10.32 -19.84
CA PHE A 352 -5.62 -11.61 -19.31
C PHE A 352 -7.02 -11.41 -18.75
N THR A 353 -7.93 -12.31 -19.08
CA THR A 353 -9.33 -12.18 -18.71
C THR A 353 -9.56 -12.32 -17.23
N THR A 354 -8.79 -13.19 -16.57
CA THR A 354 -8.89 -13.42 -15.12
C THR A 354 -7.48 -13.51 -14.53
N ALA A 355 -7.35 -13.32 -13.20
CA ALA A 355 -6.09 -13.49 -12.49
C ALA A 355 -5.66 -14.97 -12.56
N GLU A 356 -6.63 -15.92 -12.55
CA GLU A 356 -6.35 -17.35 -12.69
C GLU A 356 -5.72 -17.66 -14.05
N GLU A 357 -6.18 -16.98 -15.11
CA GLU A 357 -5.61 -17.14 -16.44
C GLU A 357 -4.20 -16.55 -16.43
N MET A 358 -4.04 -15.38 -15.82
CA MET A 358 -2.68 -14.80 -15.76
C MET A 358 -1.72 -15.69 -15.00
N SER A 359 -2.17 -16.28 -13.88
CA SER A 359 -1.38 -17.23 -13.08
C SER A 359 -0.95 -18.44 -13.92
N ALA A 360 -1.86 -18.99 -14.75
CA ALA A 360 -1.57 -20.12 -15.63
C ALA A 360 -0.45 -19.79 -16.63
N GLN A 361 -0.51 -18.60 -17.25
CA GLN A 361 0.52 -18.19 -18.20
C GLN A 361 1.82 -17.89 -17.47
N LEU A 362 1.72 -17.27 -16.28
CA LEU A 362 2.89 -16.88 -15.51
C LEU A 362 3.67 -18.10 -15.04
N THR A 363 2.97 -19.20 -14.69
CA THR A 363 3.66 -20.46 -14.27
C THR A 363 4.49 -21.00 -15.44
N GLY A 364 3.93 -20.89 -16.64
CA GLY A 364 4.58 -21.30 -17.90
C GLY A 364 5.84 -20.47 -18.12
N VAL A 365 5.72 -19.16 -17.92
CA VAL A 365 6.89 -18.26 -18.02
C VAL A 365 7.99 -18.60 -16.99
N LEU A 366 7.62 -18.86 -15.72
CA LEU A 366 8.57 -19.24 -14.69
C LEU A 366 9.40 -20.48 -15.10
N ARG A 367 8.74 -21.51 -15.66
CA ARG A 367 9.44 -22.70 -16.09
C ARG A 367 10.50 -22.32 -17.17
N GLU A 368 10.13 -21.43 -18.10
CA GLU A 368 11.01 -20.98 -19.20
C GLU A 368 12.19 -20.15 -18.72
N VAL A 369 11.96 -19.27 -17.73
CA VAL A 369 12.99 -18.38 -17.16
C VAL A 369 13.99 -19.25 -16.42
N VAL A 370 13.50 -20.17 -15.56
CA VAL A 370 14.32 -21.13 -14.81
C VAL A 370 15.18 -21.98 -15.77
N ALA A 371 14.59 -22.50 -16.87
CA ALA A 371 15.32 -23.25 -17.88
C ALA A 371 16.40 -22.41 -18.56
N GLN A 372 16.08 -21.14 -18.87
CA GLN A 372 17.05 -20.26 -19.53
C GLN A 372 18.19 -19.86 -18.62
N ASP A 373 17.92 -19.68 -17.31
CA ASP A 373 18.91 -19.29 -16.32
C ASP A 373 20.03 -20.33 -16.12
N THR A 374 19.83 -21.56 -16.64
CA THR A 374 20.83 -22.63 -16.57
C THR A 374 21.90 -22.45 -17.66
PB ADP B . 0.88 4.72 3.05
O1B ADP B . 0.18 5.85 3.69
O2B ADP B . 2.34 5.07 2.73
O3B ADP B . 0.19 4.17 1.70
PA ADP B . 0.81 1.97 4.07
O1A ADP B . -0.53 1.43 4.44
O2A ADP B . 1.26 1.60 2.63
O3A ADP B . 0.81 3.57 4.15
O5' ADP B . 1.98 1.54 5.05
C5' ADP B . 3.26 2.18 5.07
C4' ADP B . 4.21 1.41 5.92
O4' ADP B . 3.64 1.25 7.25
C3' ADP B . 4.51 -0.01 5.45
O3' ADP B . 5.52 -0.10 4.45
C2' ADP B . 4.91 -0.70 6.74
O2' ADP B . 6.28 -0.44 7.05
C1' ADP B . 3.94 -0.05 7.74
N9 ADP B . 2.68 -0.80 7.88
C8 ADP B . 1.46 -0.51 7.33
N7 ADP B . 0.54 -1.40 7.59
C5 ADP B . 1.20 -2.34 8.37
C6 ADP B . 0.76 -3.54 8.97
N6 ADP B . -0.47 -4.02 8.86
N1 ADP B . 1.68 -4.25 9.68
C2 ADP B . 2.93 -3.78 9.76
N3 ADP B . 3.45 -2.66 9.25
C4 ADP B . 2.52 -1.98 8.56
ZN ZN C . -2.38 22.31 0.13
MG MG D . 0.72 2.25 0.56
MG MG E . -3.77 3.64 0.60
#